data_5L7K
#
_entry.id   5L7K
#
_cell.length_a   88.270
_cell.length_b   88.270
_cell.length_c   105.940
_cell.angle_alpha   90.000
_cell.angle_beta   90.000
_cell.angle_gamma   90.000
#
_symmetry.space_group_name_H-M   'I 41'
#
loop_
_entity.id
_entity.type
_entity.pdbx_description
1 polymer 'Protein unc-119 homolog A'
2 polymer GLY-THR-ALA-SER-SER-LEU
3 non-polymer 'MYRISTIC ACID'
4 water water
#
loop_
_entity_poly.entity_id
_entity_poly.type
_entity_poly.pdbx_seq_one_letter_code
_entity_poly.pdbx_strand_id
1 'polypeptide(L)'
;QPIGPEDVLGLQRITGDYLCSPEENIYKIDFVRFKIRDMDSGTVLFEIKKPPVSERLPINRRDLDPNAGRFVRYQFTPAF
LRLRQVGATVEFTVGDKPVNNFRMIERHYFRNQLLKSFDFHFGFCIPSSKNTCEHIYDFPPLSEELISEMIRHPYETQSD
SFYFVDDRLVMHNKADYSYS
;
A,G
2 'polypeptide(L)' GTASSL B
#
# COMPACT_ATOMS: atom_id res chain seq x y z
N GLN A 1 24.30 16.60 -16.32
CA GLN A 1 24.07 15.45 -17.26
C GLN A 1 23.39 14.22 -16.63
N PRO A 2 23.72 13.90 -15.36
CA PRO A 2 23.02 12.77 -14.76
C PRO A 2 21.71 13.16 -14.07
N ILE A 3 20.62 12.55 -14.53
CA ILE A 3 19.29 12.81 -13.96
C ILE A 3 19.10 12.07 -12.63
N GLY A 4 18.72 12.80 -11.58
CA GLY A 4 18.44 12.26 -10.26
C GLY A 4 16.95 12.30 -9.90
N PRO A 5 16.57 11.67 -8.78
CA PRO A 5 15.17 11.63 -8.39
C PRO A 5 14.49 12.98 -8.24
N GLU A 6 15.20 13.98 -7.64
CA GLU A 6 14.62 15.32 -7.43
C GLU A 6 14.25 15.99 -8.74
N ASP A 7 14.94 15.66 -9.82
CA ASP A 7 14.61 16.15 -11.11
C ASP A 7 13.24 15.65 -11.60
N VAL A 8 12.96 14.37 -11.39
CA VAL A 8 11.75 13.80 -11.98
C VAL A 8 10.58 14.10 -11.05
N LEU A 9 10.87 14.24 -9.76
CA LEU A 9 9.85 14.61 -8.80
C LEU A 9 9.21 16.00 -9.05
N GLY A 10 9.81 16.81 -9.89
CA GLY A 10 9.22 18.10 -10.26
C GLY A 10 8.51 18.15 -11.59
N LEU A 11 8.43 17.02 -12.28
CA LEU A 11 7.96 17.02 -13.65
C LEU A 11 6.54 17.51 -13.68
N GLN A 12 6.27 18.44 -14.60
CA GLN A 12 4.98 19.11 -14.74
C GLN A 12 4.06 18.39 -15.72
N ARG A 13 4.64 17.53 -16.54
CA ARG A 13 3.86 16.83 -17.52
C ARG A 13 4.57 15.54 -17.89
N ILE A 14 3.90 14.71 -18.67
CA ILE A 14 4.55 13.58 -19.31
C ILE A 14 5.68 14.14 -20.15
N THR A 15 6.85 13.49 -20.07
CA THR A 15 8.02 13.90 -20.83
C THR A 15 7.71 13.71 -22.30
N GLY A 16 8.26 14.61 -23.12
CA GLY A 16 8.08 14.59 -24.55
C GLY A 16 9.00 13.57 -25.18
N ASP A 17 10.16 13.33 -24.54
CA ASP A 17 10.99 12.20 -24.91
C ASP A 17 11.44 11.32 -23.73
N TYR A 18 12.18 10.26 -24.03
CA TYR A 18 12.77 9.42 -23.00
C TYR A 18 13.93 10.15 -22.47
N LEU A 19 14.14 10.08 -21.14
CA LEU A 19 15.23 10.80 -20.50
C LEU A 19 16.51 9.97 -20.45
N CYS A 20 16.49 8.77 -21.00
CA CYS A 20 17.73 8.00 -21.12
C CYS A 20 17.61 7.06 -22.26
N SER A 21 18.71 6.43 -22.66
CA SER A 21 18.68 5.46 -23.73
C SER A 21 18.66 4.06 -23.13
N PRO A 22 18.28 3.07 -23.94
CA PRO A 22 18.41 1.69 -23.45
C PRO A 22 19.82 1.33 -22.95
N GLU A 23 20.85 1.90 -23.53
CA GLU A 23 22.22 1.61 -23.12
C GLU A 23 22.56 2.16 -21.75
N GLU A 24 21.80 3.10 -21.23
CA GLU A 24 22.08 3.49 -19.86
C GLU A 24 21.69 2.47 -18.77
N ASN A 25 21.06 1.37 -19.17
CA ASN A 25 20.78 0.22 -18.21
C ASN A 25 22.09 -0.63 -18.02
N ILE A 26 23.14 0.00 -17.52
CA ILE A 26 24.46 -0.65 -17.34
C ILE A 26 24.42 -1.73 -16.28
N TYR A 27 23.37 -1.75 -15.47
CA TYR A 27 23.22 -2.81 -14.50
C TYR A 27 22.51 -4.02 -15.06
N LYS A 28 22.10 -3.95 -16.32
CA LYS A 28 21.36 -5.03 -16.96
C LYS A 28 20.19 -5.51 -16.11
N ILE A 29 19.43 -4.58 -15.58
CA ILE A 29 18.24 -4.93 -14.82
C ILE A 29 17.24 -5.44 -15.81
N ASP A 30 16.62 -6.56 -15.54
CA ASP A 30 15.80 -7.23 -16.51
C ASP A 30 14.61 -7.76 -15.78
N PHE A 31 13.44 -7.18 -16.04
CA PHE A 31 12.21 -7.67 -15.42
C PHE A 31 11.68 -8.99 -16.01
N VAL A 32 11.41 -9.97 -15.15
CA VAL A 32 10.96 -11.24 -15.61
C VAL A 32 9.55 -11.57 -15.17
N ARG A 33 8.94 -10.73 -14.32
CA ARG A 33 7.57 -10.85 -13.94
C ARG A 33 7.02 -9.53 -13.41
N PHE A 34 5.79 -9.25 -13.80
CA PHE A 34 5.08 -8.07 -13.37
C PHE A 34 3.63 -8.44 -13.14
N LYS A 35 3.16 -8.22 -11.93
CA LYS A 35 1.79 -8.59 -11.60
C LYS A 35 1.13 -7.56 -10.72
N ILE A 36 -0.06 -7.10 -11.11
CA ILE A 36 -0.85 -6.20 -10.28
C ILE A 36 -2.14 -6.88 -9.87
N ARG A 37 -2.55 -6.70 -8.63
CA ARG A 37 -3.78 -7.29 -8.13
C ARG A 37 -4.54 -6.27 -7.32
N ASP A 38 -5.86 -6.36 -7.36
CA ASP A 38 -6.70 -5.48 -6.53
C ASP A 38 -6.61 -5.90 -5.08
N MET A 39 -6.26 -4.99 -4.19
CA MET A 39 -6.12 -5.34 -2.76
C MET A 39 -7.47 -5.59 -2.05
N ASP A 40 -8.56 -4.94 -2.49
CA ASP A 40 -9.89 -5.21 -1.90
C ASP A 40 -10.30 -6.67 -2.14
N SER A 41 -10.50 -7.03 -3.41
CA SER A 41 -11.02 -8.34 -3.82
C SER A 41 -9.99 -9.43 -3.92
N GLY A 42 -8.72 -9.10 -4.02
CA GLY A 42 -7.66 -10.08 -4.27
C GLY A 42 -7.52 -10.50 -5.74
N THR A 43 -8.28 -9.86 -6.61
CA THR A 43 -8.32 -10.23 -8.03
C THR A 43 -7.04 -9.79 -8.76
N VAL A 44 -6.48 -10.68 -9.57
CA VAL A 44 -5.40 -10.34 -10.50
C VAL A 44 -5.93 -9.49 -11.67
N LEU A 45 -5.30 -8.36 -11.90
CA LEU A 45 -5.78 -7.44 -12.89
C LEU A 45 -5.00 -7.66 -14.15
N PHE A 46 -3.73 -8.03 -13.98
CA PHE A 46 -2.80 -8.14 -15.11
C PHE A 46 -1.56 -8.86 -14.59
N GLU A 47 -1.09 -9.83 -15.36
CA GLU A 47 0.17 -10.52 -15.10
C GLU A 47 0.91 -10.76 -16.40
N ILE A 48 2.22 -10.47 -16.39
CA ILE A 48 3.11 -10.84 -17.46
C ILE A 48 4.38 -11.49 -16.89
N LYS A 49 4.81 -12.56 -17.56
CA LYS A 49 5.83 -13.46 -17.08
C LYS A 49 6.73 -13.77 -18.25
N LYS A 50 8.01 -13.64 -18.00
CA LYS A 50 9.12 -13.86 -18.88
C LYS A 50 9.03 -13.32 -20.24
N ARG A 70 9.79 -0.22 -24.66
CA ARG A 70 9.73 0.76 -23.58
C ARG A 70 8.40 1.47 -23.50
N PHE A 71 7.38 0.91 -24.11
CA PHE A 71 6.05 1.49 -24.06
C PHE A 71 5.02 0.38 -23.91
N VAL A 72 4.09 0.52 -23.00
CA VAL A 72 2.96 -0.40 -22.86
C VAL A 72 1.63 0.39 -22.86
N ARG A 73 0.63 -0.17 -23.52
CA ARG A 73 -0.72 0.35 -23.55
C ARG A 73 -1.58 -0.61 -22.80
N TYR A 74 -2.34 -0.10 -21.86
CA TYR A 74 -3.25 -0.92 -21.13
C TYR A 74 -4.68 -0.53 -21.54
N GLN A 75 -5.56 -1.50 -21.43
CA GLN A 75 -6.96 -1.36 -21.75
C GLN A 75 -7.69 -1.96 -20.55
N PHE A 76 -8.22 -1.09 -19.70
CA PHE A 76 -8.93 -1.48 -18.51
C PHE A 76 -10.40 -1.06 -18.70
N THR A 77 -11.23 -1.39 -17.73
CA THR A 77 -12.66 -1.02 -17.68
C THR A 77 -12.91 0.15 -16.70
N PRO A 78 -14.12 0.76 -16.74
CA PRO A 78 -14.41 1.87 -15.83
C PRO A 78 -14.27 1.53 -14.36
N ALA A 79 -14.62 0.30 -14.02
CA ALA A 79 -14.45 -0.20 -12.66
C ALA A 79 -13.04 -0.09 -12.09
N PHE A 80 -12.06 -0.06 -12.98
CA PHE A 80 -10.66 0.07 -12.57
C PHE A 80 -10.52 1.36 -11.77
N LEU A 81 -11.10 2.42 -12.32
CA LEU A 81 -11.10 3.73 -11.68
C LEU A 81 -11.85 3.85 -10.36
N ARG A 82 -12.48 2.78 -9.87
CA ARG A 82 -13.09 2.75 -8.55
C ARG A 82 -12.25 1.97 -7.55
N LEU A 83 -11.16 1.37 -8.02
CA LEU A 83 -10.26 0.70 -7.10
C LEU A 83 -9.64 1.71 -6.12
N ARG A 84 -9.19 1.21 -4.99
CA ARG A 84 -8.63 2.08 -3.98
C ARG A 84 -7.15 1.80 -3.86
N GLN A 85 -6.84 0.53 -3.82
CA GLN A 85 -5.51 0.09 -3.60
C GLN A 85 -5.18 -1.09 -4.50
N VAL A 86 -4.01 -1.02 -5.14
CA VAL A 86 -3.52 -2.09 -6.00
C VAL A 86 -2.10 -2.55 -5.66
N GLY A 87 -1.91 -3.85 -5.47
CA GLY A 87 -0.57 -4.39 -5.25
C GLY A 87 0.20 -4.79 -6.52
N ALA A 88 1.42 -4.28 -6.68
CA ALA A 88 2.34 -4.64 -7.77
C ALA A 88 3.48 -5.51 -7.27
N THR A 89 3.55 -6.75 -7.74
CA THR A 89 4.68 -7.63 -7.56
C THR A 89 5.58 -7.55 -8.78
N VAL A 90 6.88 -7.47 -8.54
CA VAL A 90 7.86 -7.42 -9.58
C VAL A 90 8.95 -8.45 -9.30
N GLU A 91 9.41 -9.15 -10.33
CA GLU A 91 10.61 -9.95 -10.28
C GLU A 91 11.54 -9.48 -11.32
N PHE A 92 12.80 -9.35 -10.92
CA PHE A 92 13.85 -8.90 -11.84
C PHE A 92 15.21 -9.50 -11.51
N THR A 93 16.05 -9.60 -12.53
CA THR A 93 17.41 -10.07 -12.40
C THR A 93 18.30 -8.90 -12.66
N VAL A 94 19.52 -9.05 -12.22
CA VAL A 94 20.51 -7.99 -12.33
C VAL A 94 21.77 -8.66 -12.87
N GLY A 95 22.62 -7.92 -13.57
CA GLY A 95 23.88 -8.49 -14.07
C GLY A 95 25.04 -8.40 -13.08
N ASP A 96 26.24 -8.22 -13.63
CA ASP A 96 27.56 -8.33 -12.95
C ASP A 96 27.96 -7.37 -11.86
N LYS A 97 27.33 -6.22 -11.83
CA LYS A 97 27.65 -5.22 -10.87
C LYS A 97 26.59 -5.23 -9.78
N PRO A 98 27.00 -4.94 -8.53
CA PRO A 98 26.01 -4.73 -7.49
C PRO A 98 25.18 -3.48 -7.76
N VAL A 99 23.95 -3.52 -7.29
CA VAL A 99 22.97 -2.50 -7.53
C VAL A 99 22.56 -2.00 -6.17
N ASN A 100 22.87 -0.74 -5.90
CA ASN A 100 22.47 -0.13 -4.63
C ASN A 100 21.36 0.90 -4.81
N ASN A 101 20.41 0.88 -3.89
CA ASN A 101 19.31 1.83 -3.82
C ASN A 101 18.52 1.86 -5.12
N PHE A 102 18.12 0.69 -5.59
CA PHE A 102 17.29 0.63 -6.76
C PHE A 102 15.92 1.20 -6.38
N ARG A 103 15.41 2.07 -7.23
CA ARG A 103 14.24 2.82 -6.86
C ARG A 103 13.44 3.21 -8.12
N MET A 104 12.11 3.23 -8.02
CA MET A 104 11.31 3.70 -9.15
C MET A 104 10.37 4.82 -8.74
N ILE A 105 10.26 5.81 -9.58
CA ILE A 105 9.36 6.87 -9.38
C ILE A 105 8.54 6.82 -10.62
N GLU A 106 7.24 6.67 -10.44
CA GLU A 106 6.32 6.49 -11.54
C GLU A 106 5.21 7.53 -11.42
N ARG A 107 5.01 8.35 -12.45
CA ARG A 107 4.14 9.48 -12.42
C ARG A 107 3.02 9.31 -13.41
N HIS A 108 1.79 9.35 -12.90
CA HIS A 108 0.55 9.20 -13.68
C HIS A 108 -0.18 10.52 -13.89
N TYR A 109 -0.43 10.90 -15.14
CA TYR A 109 -1.09 12.15 -15.48
C TYR A 109 -2.37 11.90 -16.27
N PHE A 110 -3.35 12.81 -16.14
CA PHE A 110 -4.45 12.87 -17.13
C PHE A 110 -4.39 14.20 -17.83
N ARG A 111 -4.22 14.14 -19.15
CA ARG A 111 -4.03 15.32 -19.96
C ARG A 111 -2.92 16.21 -19.41
N ASN A 112 -1.88 15.61 -18.85
CA ASN A 112 -0.74 16.35 -18.31
C ASN A 112 -0.96 17.04 -16.96
N GLN A 113 -2.02 16.65 -16.26
CA GLN A 113 -2.24 17.06 -14.90
C GLN A 113 -1.89 15.84 -14.06
N LEU A 114 -1.03 16.04 -13.08
CA LEU A 114 -0.63 14.94 -12.24
C LEU A 114 -1.78 14.37 -11.48
N LEU A 115 -2.00 13.07 -11.62
CA LEU A 115 -2.94 12.32 -10.83
C LEU A 115 -2.28 11.84 -9.59
N LYS A 116 -1.08 11.27 -9.76
CA LYS A 116 -0.32 10.93 -8.61
C LYS A 116 1.08 10.36 -8.97
N SER A 117 2.03 10.58 -8.07
CA SER A 117 3.42 10.16 -8.27
C SER A 117 3.72 9.13 -7.23
N PHE A 118 4.22 7.96 -7.64
CA PHE A 118 4.51 6.90 -6.68
C PHE A 118 6.01 6.71 -6.62
N ASP A 119 6.51 6.26 -5.48
CA ASP A 119 7.93 6.25 -5.25
C ASP A 119 8.18 4.99 -4.51
N PHE A 120 8.75 4.01 -5.20
CA PHE A 120 8.94 2.70 -4.63
C PHE A 120 10.46 2.43 -4.49
N HIS A 121 10.86 1.95 -3.33
CA HIS A 121 12.24 1.52 -3.10
C HIS A 121 12.39 0.01 -3.12
N PHE A 122 13.43 -0.47 -3.77
CA PHE A 122 13.66 -1.91 -3.96
C PHE A 122 14.86 -2.40 -3.17
N GLY A 123 15.68 -1.47 -2.75
CA GLY A 123 16.87 -1.77 -1.99
C GLY A 123 18.10 -2.12 -2.83
N PHE A 124 18.96 -2.91 -2.18
CA PHE A 124 20.20 -3.47 -2.66
C PHE A 124 20.01 -4.83 -3.35
N CYS A 125 20.72 -5.06 -4.44
CA CYS A 125 20.69 -6.35 -5.10
C CYS A 125 22.12 -6.75 -5.40
N ILE A 126 22.46 -7.98 -5.04
CA ILE A 126 23.81 -8.54 -5.31
C ILE A 126 23.90 -8.93 -6.79
N PRO A 127 25.11 -9.00 -7.36
CA PRO A 127 25.22 -9.28 -8.78
C PRO A 127 24.64 -10.65 -9.12
N SER A 128 24.06 -10.77 -10.32
CA SER A 128 23.50 -12.01 -10.82
C SER A 128 22.37 -12.54 -10.01
N SER A 129 21.69 -11.70 -9.26
CA SER A 129 20.56 -12.14 -8.50
C SER A 129 19.22 -11.95 -9.21
N LYS A 130 18.22 -12.73 -8.79
CA LYS A 130 16.83 -12.46 -9.09
C LYS A 130 16.23 -11.99 -7.78
N ASN A 131 15.36 -10.98 -7.83
CA ASN A 131 14.81 -10.36 -6.66
C ASN A 131 13.35 -10.17 -6.85
N THR A 132 12.58 -10.19 -5.76
CA THR A 132 11.13 -10.01 -5.84
C THR A 132 10.69 -8.97 -4.84
N CYS A 133 9.88 -8.00 -5.24
CA CYS A 133 9.22 -7.06 -4.29
C CYS A 133 7.78 -6.91 -4.65
N GLU A 134 6.95 -6.63 -3.65
CA GLU A 134 5.61 -6.14 -3.89
C GLU A 134 5.45 -4.76 -3.24
N HIS A 135 4.92 -3.81 -4.00
CA HIS A 135 4.64 -2.47 -3.49
C HIS A 135 3.15 -2.22 -3.64
N ILE A 136 2.67 -1.13 -3.06
CA ILE A 136 1.27 -0.84 -3.08
C ILE A 136 1.00 0.49 -3.70
N TYR A 137 0.10 0.54 -4.69
CA TYR A 137 -0.40 1.83 -5.15
C TYR A 137 -1.65 2.16 -4.36
N ASP A 138 -1.69 3.40 -3.81
CA ASP A 138 -2.89 3.98 -3.23
C ASP A 138 -3.42 4.97 -4.17
N PHE A 139 -4.67 4.80 -4.61
CA PHE A 139 -5.18 5.70 -5.64
C PHE A 139 -5.32 7.17 -5.15
N PRO A 140 -5.05 8.15 -6.01
CA PRO A 140 -5.42 9.48 -5.56
C PRO A 140 -6.96 9.55 -5.50
N PRO A 141 -7.51 10.58 -4.85
CA PRO A 141 -8.96 10.74 -4.89
C PRO A 141 -9.34 11.24 -6.27
N LEU A 142 -10.38 10.64 -6.83
CA LEU A 142 -10.87 11.01 -8.14
C LEU A 142 -12.33 11.39 -7.98
N SER A 143 -12.70 12.49 -8.63
CA SER A 143 -14.06 12.98 -8.64
C SER A 143 -14.79 12.46 -9.86
N GLU A 144 -16.10 12.27 -9.67
CA GLU A 144 -17.01 11.75 -10.68
C GLU A 144 -16.86 12.41 -12.04
N GLU A 145 -16.58 13.71 -12.02
CA GLU A 145 -16.21 14.47 -13.21
C GLU A 145 -14.95 13.93 -13.86
N LEU A 146 -13.96 13.62 -13.04
CA LEU A 146 -12.60 13.35 -13.53
C LEU A 146 -12.63 11.98 -14.19
N ILE A 147 -13.12 11.02 -13.42
CA ILE A 147 -13.44 9.68 -13.88
C ILE A 147 -14.15 9.69 -15.24
N SER A 148 -15.32 10.34 -15.28
CA SER A 148 -16.03 10.49 -16.52
C SER A 148 -15.13 10.99 -17.67
N GLU A 149 -14.33 12.01 -17.41
CA GLU A 149 -13.41 12.51 -18.46
C GLU A 149 -12.39 11.42 -18.84
N MET A 150 -11.96 10.66 -17.85
CA MET A 150 -10.93 9.63 -18.03
C MET A 150 -11.48 8.49 -18.90
N ILE A 151 -12.72 8.10 -18.62
CA ILE A 151 -13.41 7.06 -19.39
C ILE A 151 -13.62 7.50 -20.81
N ARG A 152 -14.00 8.77 -20.96
CA ARG A 152 -14.34 9.33 -22.25
C ARG A 152 -13.11 9.72 -23.06
N HIS A 153 -11.96 9.86 -22.44
CA HIS A 153 -10.72 10.17 -23.20
C HIS A 153 -9.66 9.05 -22.96
N PRO A 154 -9.81 7.90 -23.65
CA PRO A 154 -8.83 6.81 -23.62
C PRO A 154 -7.44 7.23 -24.09
N TYR A 155 -6.42 6.78 -23.35
CA TYR A 155 -5.01 7.02 -23.69
C TYR A 155 -4.51 8.46 -23.48
N GLU A 156 -5.30 9.27 -22.77
CA GLU A 156 -4.84 10.60 -22.37
C GLU A 156 -4.43 10.57 -20.92
N THR A 157 -4.76 9.47 -20.26
CA THR A 157 -4.08 9.06 -19.09
C THR A 157 -2.80 8.34 -19.51
N GLN A 158 -1.67 8.86 -19.02
CA GLN A 158 -0.33 8.33 -19.33
C GLN A 158 0.51 8.28 -18.09
N SER A 159 1.57 7.46 -18.10
CA SER A 159 2.51 7.37 -16.97
C SER A 159 3.97 7.31 -17.42
N ASP A 160 4.87 7.84 -16.60
CA ASP A 160 6.31 7.72 -16.83
C ASP A 160 6.85 6.94 -15.66
N SER A 161 7.65 5.93 -15.96
CA SER A 161 8.35 5.14 -14.95
C SER A 161 9.85 5.37 -15.06
N PHE A 162 10.43 5.87 -13.98
CA PHE A 162 11.80 6.30 -13.94
C PHE A 162 12.53 5.41 -12.95
N TYR A 163 13.62 4.75 -13.38
CA TYR A 163 14.29 3.78 -12.55
C TYR A 163 15.69 4.30 -12.22
N PHE A 164 16.04 4.30 -10.93
CA PHE A 164 17.30 4.86 -10.44
C PHE A 164 18.10 3.81 -9.71
N VAL A 165 19.40 3.79 -9.97
CA VAL A 165 20.36 3.07 -9.19
C VAL A 165 21.32 4.11 -8.60
N ASP A 166 21.49 4.12 -7.28
CA ASP A 166 22.37 5.08 -6.65
C ASP A 166 22.08 6.52 -7.11
N ASP A 167 20.80 6.89 -7.17
CA ASP A 167 20.35 8.25 -7.52
C ASP A 167 20.57 8.65 -8.97
N ARG A 168 20.89 7.70 -9.84
CA ARG A 168 21.14 7.99 -11.24
C ARG A 168 20.10 7.23 -12.05
N LEU A 169 19.46 7.95 -12.95
CA LEU A 169 18.47 7.40 -13.82
C LEU A 169 19.09 6.35 -14.73
N VAL A 170 18.55 5.13 -14.79
CA VAL A 170 19.08 4.07 -15.66
C VAL A 170 18.08 3.48 -16.66
N MET A 171 16.78 3.64 -16.40
CA MET A 171 15.76 3.22 -17.33
C MET A 171 14.56 4.19 -17.29
N HIS A 172 13.79 4.15 -18.35
CA HIS A 172 12.59 4.96 -18.45
C HIS A 172 11.60 4.25 -19.35
N ASN A 173 10.47 3.87 -18.77
CA ASN A 173 9.36 3.26 -19.46
C ASN A 173 8.09 4.16 -19.45
N LYS A 174 7.33 4.12 -20.54
CA LYS A 174 6.14 4.94 -20.70
C LYS A 174 4.98 4.02 -20.85
N ALA A 175 3.81 4.49 -20.45
CA ALA A 175 2.60 3.73 -20.61
C ALA A 175 1.40 4.63 -20.88
N ASP A 176 0.37 4.09 -21.50
CA ASP A 176 -0.92 4.75 -21.52
C ASP A 176 -2.08 3.84 -21.23
N TYR A 177 -3.22 4.40 -20.91
CA TYR A 177 -4.28 3.66 -20.31
C TYR A 177 -5.60 4.06 -20.94
N SER A 178 -6.44 3.05 -21.17
CA SER A 178 -7.84 3.23 -21.47
C SER A 178 -8.66 2.60 -20.40
N TYR A 179 -9.79 3.25 -20.08
CA TYR A 179 -10.71 2.71 -19.09
C TYR A 179 -12.11 2.50 -19.68
N SER A 180 -12.19 2.55 -21.01
CA SER A 180 -13.42 2.53 -21.80
C SER A 180 -14.08 1.15 -21.94
N GLY B 1 4.04 0.66 -15.99
CA GLY B 1 5.05 0.84 -17.01
C GLY B 1 6.02 -0.32 -17.07
N THR B 2 6.37 -0.86 -15.90
CA THR B 2 7.30 -1.99 -15.81
C THR B 2 6.94 -3.15 -16.76
N ALA B 3 5.67 -3.33 -17.08
CA ALA B 3 5.26 -4.33 -18.07
C ALA B 3 5.93 -4.11 -19.43
N SER B 4 6.31 -2.89 -19.78
CA SER B 4 6.99 -2.64 -21.05
C SER B 4 8.22 -3.50 -21.23
N SER B 5 8.92 -3.75 -20.12
CA SER B 5 10.25 -4.34 -20.08
C SER B 5 10.26 -5.85 -20.24
N LEU B 6 9.11 -6.54 -20.21
CA LEU B 6 9.13 -8.01 -20.36
C LEU B 6 9.10 -8.41 -21.81
N GLN C 1 6.96 -23.11 16.65
CA GLN C 1 6.01 -23.02 15.50
C GLN C 1 5.24 -21.69 15.46
N PRO C 2 5.86 -20.62 14.89
CA PRO C 2 5.29 -19.26 14.81
C PRO C 2 3.82 -19.17 14.32
N ILE C 3 3.06 -18.22 14.87
CA ILE C 3 1.65 -18.03 14.52
C ILE C 3 1.55 -17.29 13.18
N GLY C 4 0.51 -17.59 12.40
CA GLY C 4 0.38 -17.04 11.04
C GLY C 4 -1.01 -16.52 10.73
N PRO C 5 -1.16 -15.83 9.57
CA PRO C 5 -2.44 -15.22 9.20
C PRO C 5 -3.62 -16.19 9.27
N GLU C 6 -3.49 -17.32 8.60
CA GLU C 6 -4.56 -18.32 8.57
C GLU C 6 -4.99 -18.71 10.00
N ASP C 7 -4.09 -18.59 10.95
CA ASP C 7 -4.39 -18.94 12.33
C ASP C 7 -5.29 -17.93 13.07
N VAL C 8 -5.22 -16.64 12.75
CA VAL C 8 -6.09 -15.62 13.38
C VAL C 8 -7.26 -15.17 12.48
N LEU C 9 -7.27 -15.59 11.22
CA LEU C 9 -8.35 -15.21 10.29
C LEU C 9 -9.71 -15.84 10.65
N GLY C 10 -9.69 -16.82 11.56
CA GLY C 10 -10.89 -17.47 12.04
C GLY C 10 -11.46 -16.76 13.25
N LEU C 11 -10.60 -16.57 14.25
CA LEU C 11 -10.95 -16.12 15.62
C LEU C 11 -12.21 -15.24 15.73
N GLN C 12 -13.17 -15.65 16.55
CA GLN C 12 -14.39 -14.86 16.73
C GLN C 12 -14.52 -14.35 18.17
N ARG C 13 -13.38 -14.07 18.80
CA ARG C 13 -13.30 -13.44 20.13
C ARG C 13 -12.04 -12.60 20.25
N ILE C 14 -11.98 -11.77 21.30
CA ILE C 14 -10.74 -11.11 21.68
C ILE C 14 -9.83 -12.16 22.32
N THR C 15 -8.52 -12.05 22.11
CA THR C 15 -7.58 -13.05 22.66
C THR C 15 -7.57 -13.00 24.19
N GLY C 16 -7.30 -14.14 24.81
CA GLY C 16 -7.10 -14.19 26.25
C GLY C 16 -5.91 -13.32 26.61
N ASP C 17 -4.76 -13.65 26.02
CA ASP C 17 -3.50 -12.95 26.30
C ASP C 17 -2.86 -12.40 25.00
N TYR C 18 -1.70 -11.75 25.14
CA TYR C 18 -0.95 -11.33 23.95
C TYR C 18 -0.42 -12.59 23.26
N LEU C 19 -0.68 -12.73 21.96
CA LEU C 19 -0.14 -13.85 21.20
C LEU C 19 1.31 -13.67 20.74
N CYS C 20 2.03 -12.70 21.31
CA CYS C 20 3.48 -12.61 21.13
C CYS C 20 4.14 -11.68 22.14
N SER C 21 5.47 -11.79 22.23
CA SER C 21 6.30 -10.91 23.05
C SER C 21 6.80 -9.71 22.22
N PRO C 22 7.35 -8.68 22.90
CA PRO C 22 7.94 -7.54 22.18
C PRO C 22 9.32 -7.85 21.61
N GLU C 23 9.97 -8.90 22.13
CA GLU C 23 11.24 -9.38 21.57
C GLU C 23 11.03 -10.05 20.20
N GLU C 24 9.79 -10.48 19.93
CA GLU C 24 9.44 -11.14 18.66
C GLU C 24 9.22 -10.18 17.47
N ASN C 25 9.27 -8.88 17.72
CA ASN C 25 9.34 -7.89 16.63
C ASN C 25 10.79 -7.70 16.21
N ILE C 26 11.42 -8.76 15.71
CA ILE C 26 12.85 -8.73 15.39
C ILE C 26 13.17 -7.73 14.28
N TYR C 27 12.16 -7.39 13.49
CA TYR C 27 12.32 -6.43 12.43
C TYR C 27 12.39 -4.99 12.92
N LYS C 28 12.12 -4.78 14.22
CA LYS C 28 12.14 -3.44 14.86
C LYS C 28 11.12 -2.45 14.27
N ILE C 29 9.94 -2.96 13.94
CA ILE C 29 8.88 -2.10 13.40
C ILE C 29 8.41 -1.13 14.49
N ASP C 30 8.60 0.17 14.24
CA ASP C 30 8.25 1.24 15.18
C ASP C 30 7.35 2.29 14.55
N PHE C 31 6.07 2.28 14.93
CA PHE C 31 5.12 3.28 14.42
C PHE C 31 5.37 4.66 15.00
N VAL C 32 5.49 5.66 14.13
CA VAL C 32 5.71 7.03 14.57
C VAL C 32 4.50 7.91 14.33
N ARG C 33 3.54 7.45 13.55
CA ARG C 33 2.33 8.24 13.34
C ARG C 33 1.14 7.38 13.01
N PHE C 34 -0.02 7.83 13.50
CA PHE C 34 -1.28 7.15 13.26
C PHE C 34 -2.40 8.18 13.21
N LYS C 35 -3.08 8.22 12.07
CA LYS C 35 -4.12 9.19 11.81
C LYS C 35 -5.31 8.50 11.16
N ILE C 36 -6.49 8.73 11.73
CA ILE C 36 -7.75 8.26 11.12
C ILE C 36 -8.58 9.47 10.74
N ARG C 37 -9.18 9.43 9.56
CA ARG C 37 -10.05 10.51 9.11
C ARG C 37 -11.34 9.99 8.50
N ASP C 38 -12.25 10.94 8.25
CA ASP C 38 -13.55 10.67 7.67
C ASP C 38 -13.43 10.94 6.19
N MET C 39 -13.43 9.89 5.39
CA MET C 39 -13.18 10.04 3.96
C MET C 39 -14.22 10.95 3.29
N ASP C 40 -15.48 10.77 3.66
CA ASP C 40 -16.58 11.58 3.11
C ASP C 40 -16.38 13.08 3.43
N SER C 41 -16.03 13.39 4.67
CA SER C 41 -15.95 14.78 5.15
C SER C 41 -14.56 15.44 5.05
N GLY C 42 -13.50 14.62 5.03
CA GLY C 42 -12.13 15.09 5.22
C GLY C 42 -11.67 15.02 6.68
N THR C 43 -12.57 15.37 7.60
CA THR C 43 -12.29 15.53 9.03
C THR C 43 -11.37 14.49 9.66
N VAL C 44 -10.36 14.95 10.40
CA VAL C 44 -9.51 14.09 11.22
C VAL C 44 -10.21 13.79 12.55
N LEU C 45 -10.27 12.51 12.91
CA LEU C 45 -11.02 12.02 14.06
C LEU C 45 -10.08 11.60 15.19
N PHE C 46 -8.81 11.47 14.86
CA PHE C 46 -7.81 11.07 15.83
C PHE C 46 -6.45 11.08 15.14
N GLU C 47 -5.46 11.72 15.77
CA GLU C 47 -4.09 11.74 15.26
C GLU C 47 -3.11 11.64 16.42
N ILE C 48 -2.05 10.85 16.23
CA ILE C 48 -1.01 10.64 17.24
C ILE C 48 0.37 10.56 16.57
N LYS C 49 1.36 11.22 17.18
CA LYS C 49 2.64 11.48 16.52
C LYS C 49 3.84 11.28 17.43
N LYS C 50 4.89 10.75 16.82
CA LYS C 50 6.25 10.60 17.35
C LYS C 50 6.27 10.12 18.79
N PHE C 71 -1.42 -2.23 23.92
CA PHE C 71 -2.78 -1.80 24.26
C PHE C 71 -3.06 -0.33 23.91
N VAL C 72 -4.32 -0.05 23.55
CA VAL C 72 -4.81 1.32 23.37
C VAL C 72 -6.26 1.41 23.83
N ARG C 73 -6.63 2.55 24.39
CA ARG C 73 -7.97 2.81 24.92
C ARG C 73 -8.65 3.94 24.16
N TYR C 74 -9.73 3.63 23.46
CA TYR C 74 -10.44 4.61 22.60
C TYR C 74 -11.77 5.05 23.19
N GLN C 75 -12.18 6.26 22.82
CA GLN C 75 -13.42 6.87 23.30
C GLN C 75 -13.96 7.81 22.24
N PHE C 76 -14.94 7.35 21.47
CA PHE C 76 -15.51 8.12 20.36
C PHE C 76 -16.88 8.66 20.73
N THR C 77 -17.45 9.49 19.85
CA THR C 77 -18.84 9.94 20.01
C THR C 77 -19.76 8.82 19.54
N PRO C 78 -21.07 8.94 19.82
CA PRO C 78 -22.01 8.00 19.19
C PRO C 78 -22.08 8.15 17.67
N ALA C 79 -21.80 9.33 17.12
CA ALA C 79 -21.87 9.58 15.67
C ALA C 79 -20.77 8.88 14.85
N PHE C 80 -19.79 8.30 15.55
CA PHE C 80 -18.73 7.48 14.92
C PHE C 80 -19.30 6.20 14.33
N LEU C 81 -20.25 5.60 15.04
CA LEU C 81 -20.87 4.37 14.58
C LEU C 81 -21.81 4.60 13.40
N ARG C 82 -22.06 5.92 12.89
CA ARG C 82 -22.58 6.02 11.55
C ARG C 82 -21.48 6.42 10.59
N LEU C 83 -20.50 6.01 10.67
CA LEU C 83 -19.48 6.24 9.62
C LEU C 83 -19.48 5.16 8.54
N ARG C 84 -18.98 5.55 7.37
CA ARG C 84 -18.98 4.70 6.19
C ARG C 84 -17.54 4.26 5.85
N GLN C 85 -16.71 5.20 5.41
CA GLN C 85 -15.30 4.94 5.05
C GLN C 85 -14.32 5.76 5.91
N VAL C 86 -13.55 5.06 6.74
CA VAL C 86 -12.56 5.70 7.60
C VAL C 86 -11.14 5.37 7.13
N GLY C 87 -10.44 6.37 6.64
CA GLY C 87 -9.05 6.22 6.20
C GLY C 87 -7.99 6.37 7.29
N ALA C 88 -7.16 5.33 7.44
CA ALA C 88 -6.06 5.34 8.38
C ALA C 88 -4.76 5.65 7.65
N THR C 89 -3.99 6.57 8.20
CA THR C 89 -2.65 6.82 7.69
C THR C 89 -1.72 6.43 8.80
N VAL C 90 -0.76 5.58 8.44
CA VAL C 90 0.21 5.06 9.36
C VAL C 90 1.61 5.34 8.82
N GLU C 91 2.50 5.78 9.70
CA GLU C 91 3.89 5.96 9.37
C GLU C 91 4.68 5.10 10.34
N PHE C 92 5.77 4.47 9.87
CA PHE C 92 6.56 3.57 10.70
C PHE C 92 7.99 3.45 10.17
N THR C 93 8.91 3.07 11.06
CA THR C 93 10.27 2.80 10.67
C THR C 93 10.55 1.34 10.94
N VAL C 94 11.62 0.85 10.33
CA VAL C 94 12.01 -0.56 10.38
C VAL C 94 13.49 -0.53 10.72
N GLY C 95 14.01 -1.63 11.25
CA GLY C 95 15.42 -1.74 11.56
C GLY C 95 16.30 -2.22 10.41
N ASP C 96 17.39 -2.89 10.79
CA ASP C 96 18.43 -3.44 9.90
C ASP C 96 17.93 -4.39 8.83
N LYS C 97 16.92 -5.18 9.15
CA LYS C 97 16.49 -6.28 8.27
C LYS C 97 15.42 -5.84 7.25
N PRO C 98 15.50 -6.38 6.00
CA PRO C 98 14.40 -6.25 5.03
C PRO C 98 13.10 -6.85 5.54
N VAL C 99 12.01 -6.17 5.24
CA VAL C 99 10.68 -6.66 5.56
C VAL C 99 9.94 -6.92 4.26
N ASN C 100 9.72 -8.19 3.94
CA ASN C 100 8.92 -8.55 2.80
C ASN C 100 7.51 -8.79 3.31
N ASN C 101 6.51 -8.38 2.54
CA ASN C 101 5.10 -8.72 2.83
C ASN C 101 4.67 -8.50 4.28
N PHE C 102 4.72 -7.24 4.69
CA PHE C 102 4.29 -6.79 6.00
C PHE C 102 2.79 -6.56 5.93
N ARG C 103 2.07 -7.08 6.91
CA ARG C 103 0.62 -7.25 6.84
C ARG C 103 -0.04 -7.12 8.22
N MET C 104 -1.15 -6.37 8.28
CA MET C 104 -1.95 -6.33 9.49
C MET C 104 -3.37 -6.80 9.27
N ILE C 105 -3.75 -7.74 10.11
CA ILE C 105 -5.10 -8.24 10.19
C ILE C 105 -5.69 -7.77 11.51
N GLU C 106 -6.74 -6.97 11.41
CA GLU C 106 -7.35 -6.36 12.59
C GLU C 106 -8.79 -6.77 12.74
N ARG C 107 -9.09 -7.45 13.84
CA ARG C 107 -10.42 -8.02 14.08
C ARG C 107 -11.11 -7.30 15.24
N HIS C 108 -12.30 -6.78 14.96
CA HIS C 108 -13.11 -6.04 15.94
C HIS C 108 -14.35 -6.85 16.37
N TYR C 109 -14.46 -7.09 17.67
CA TYR C 109 -15.58 -7.85 18.25
C TYR C 109 -16.38 -6.99 19.23
N PHE C 110 -17.70 -7.14 19.22
CA PHE C 110 -18.56 -6.62 20.29
C PHE C 110 -19.13 -7.79 21.10
N ARG C 111 -18.59 -7.97 22.32
CA ARG C 111 -18.87 -9.16 23.14
C ARG C 111 -18.69 -10.47 22.37
N ASN C 112 -17.50 -10.66 21.81
CA ASN C 112 -17.11 -11.91 21.14
C ASN C 112 -18.00 -12.27 19.92
N GLN C 113 -18.33 -11.26 19.13
CA GLN C 113 -19.09 -11.42 17.90
C GLN C 113 -18.45 -10.54 16.82
N LEU C 114 -17.73 -11.16 15.89
CA LEU C 114 -16.94 -10.44 14.88
C LEU C 114 -17.80 -9.48 14.07
N LEU C 115 -17.67 -8.18 14.34
CA LEU C 115 -18.33 -7.14 13.55
C LEU C 115 -17.70 -7.06 12.14
N LYS C 116 -16.37 -7.07 12.10
CA LYS C 116 -15.61 -7.12 10.86
C LYS C 116 -14.13 -7.36 11.11
N SER C 117 -13.52 -8.11 10.21
CA SER C 117 -12.08 -8.30 10.16
C SER C 117 -11.51 -7.50 9.00
N PHE C 118 -10.41 -6.79 9.26
CA PHE C 118 -9.73 -5.98 8.26
C PHE C 118 -8.31 -6.49 8.05
N ASP C 119 -7.87 -6.44 6.80
CA ASP C 119 -6.60 -7.01 6.37
C ASP C 119 -5.88 -6.01 5.46
N PHE C 120 -4.86 -5.35 5.99
CA PHE C 120 -4.15 -4.33 5.22
C PHE C 120 -2.72 -4.74 4.89
N HIS C 121 -2.32 -4.44 3.65
CA HIS C 121 -0.98 -4.73 3.16
C HIS C 121 -0.13 -3.47 3.07
N PHE C 122 1.07 -3.57 3.64
CA PHE C 122 1.99 -2.44 3.74
C PHE C 122 3.02 -2.37 2.59
N GLY C 123 3.41 -3.52 2.04
CA GLY C 123 4.41 -3.58 0.99
C GLY C 123 5.82 -3.86 1.49
N PHE C 124 6.73 -4.04 0.54
CA PHE C 124 8.15 -4.20 0.81
C PHE C 124 8.72 -2.94 1.50
N CYS C 125 9.57 -3.10 2.50
CA CYS C 125 10.27 -1.96 3.13
C CYS C 125 11.76 -2.23 3.17
N ILE C 126 12.55 -1.24 2.77
CA ILE C 126 14.01 -1.30 2.83
C ILE C 126 14.49 -1.18 4.30
N PRO C 127 15.60 -1.84 4.68
CA PRO C 127 16.24 -1.59 5.98
C PRO C 127 16.28 -0.12 6.40
N SER C 128 16.01 0.17 7.67
CA SER C 128 16.17 1.56 8.20
C SER C 128 15.34 2.60 7.45
N SER C 129 14.21 2.20 6.89
CA SER C 129 13.34 3.11 6.19
C SER C 129 12.25 3.72 7.08
N LYS C 130 11.73 4.87 6.65
CA LYS C 130 10.47 5.42 7.16
C LYS C 130 9.42 5.27 6.07
N ASN C 131 8.30 4.65 6.43
CA ASN C 131 7.28 4.28 5.47
C ASN C 131 5.94 4.86 5.88
N THR C 132 5.21 5.35 4.89
CA THR C 132 3.86 5.82 5.09
C THR C 132 2.88 4.96 4.29
N CYS C 133 1.97 4.27 5.00
CA CYS C 133 0.91 3.47 4.37
C CYS C 133 -0.47 4.03 4.65
N GLU C 134 -1.38 3.79 3.72
CA GLU C 134 -2.69 4.42 3.72
C GLU C 134 -3.71 3.31 3.55
N HIS C 135 -4.77 3.31 4.38
CA HIS C 135 -5.75 2.23 4.34
C HIS C 135 -7.15 2.75 4.58
N ILE C 136 -8.14 1.96 4.17
CA ILE C 136 -9.54 2.37 4.29
C ILE C 136 -10.29 1.34 5.09
N TYR C 137 -11.08 1.81 6.05
CA TYR C 137 -12.03 0.96 6.75
C TYR C 137 -13.40 1.20 6.12
N ASP C 138 -13.98 0.15 5.55
CA ASP C 138 -15.37 0.19 5.13
C ASP C 138 -16.16 -0.51 6.20
N PHE C 139 -16.99 0.23 6.92
CA PHE C 139 -17.67 -0.31 8.11
C PHE C 139 -18.69 -1.39 7.73
N PRO C 140 -18.82 -2.42 8.59
CA PRO C 140 -19.85 -3.42 8.37
C PRO C 140 -21.22 -2.79 8.60
N PRO C 141 -22.23 -3.15 7.79
CA PRO C 141 -23.58 -2.64 8.10
C PRO C 141 -24.04 -3.15 9.48
N LEU C 142 -24.27 -2.23 10.42
CA LEU C 142 -24.64 -2.60 11.80
C LEU C 142 -26.13 -2.39 12.07
N SER C 143 -26.62 -3.05 13.11
CA SER C 143 -28.02 -2.92 13.53
C SER C 143 -28.23 -1.68 14.42
N GLU C 144 -29.48 -1.23 14.53
CA GLU C 144 -29.84 -0.14 15.45
C GLU C 144 -29.76 -0.60 16.90
N GLU C 145 -30.14 -1.86 17.15
CA GLU C 145 -29.96 -2.46 18.49
C GLU C 145 -28.47 -2.65 18.79
N LEU C 146 -27.70 -3.01 17.76
CA LEU C 146 -26.25 -3.17 17.89
C LEU C 146 -25.61 -1.81 18.22
N ILE C 147 -25.95 -0.78 17.43
CA ILE C 147 -25.46 0.60 17.64
C ILE C 147 -25.65 1.09 19.09
N SER C 148 -26.87 0.93 19.60
CA SER C 148 -27.21 1.37 20.94
C SER C 148 -26.44 0.60 22.00
N GLU C 149 -26.40 -0.73 21.86
CA GLU C 149 -25.75 -1.60 22.84
C GLU C 149 -24.26 -1.28 23.05
N MET C 150 -23.56 -1.00 21.96
CA MET C 150 -22.13 -0.65 22.01
C MET C 150 -21.92 0.68 22.75
N ILE C 151 -22.91 1.57 22.65
CA ILE C 151 -22.92 2.82 23.38
C ILE C 151 -23.25 2.57 24.87
N ARG C 152 -24.32 1.82 25.13
CA ARG C 152 -24.85 1.61 26.49
C ARG C 152 -23.88 0.91 27.44
N HIS C 153 -23.07 0.10 26.78
CA HIS C 153 -22.39 -1.09 27.22
C HIS C 153 -20.90 -1.11 26.85
N PRO C 154 -20.22 0.03 26.73
CA PRO C 154 -19.02 0.05 25.90
C PRO C 154 -17.86 -0.66 26.58
N TYR C 155 -16.69 -0.62 25.95
CA TYR C 155 -15.48 -1.33 26.42
C TYR C 155 -15.67 -2.84 26.36
N GLU C 156 -16.73 -3.28 25.68
CA GLU C 156 -16.96 -4.66 25.32
C GLU C 156 -16.72 -4.86 23.82
N THR C 157 -16.74 -3.73 23.09
CA THR C 157 -16.28 -3.67 21.69
C THR C 157 -14.75 -3.57 21.78
N GLN C 158 -14.07 -4.69 21.57
CA GLN C 158 -12.61 -4.73 21.62
C GLN C 158 -12.06 -5.03 20.23
N SER C 159 -10.73 -5.04 20.12
CA SER C 159 -10.06 -5.42 18.88
C SER C 159 -8.63 -5.91 19.12
N ASP C 160 -8.21 -6.84 18.25
CA ASP C 160 -6.82 -7.30 18.19
C ASP C 160 -6.20 -6.96 16.85
N SER C 161 -4.98 -6.44 16.91
CA SER C 161 -4.23 -6.09 15.71
C SER C 161 -3.01 -7.01 15.64
N PHE C 162 -3.09 -7.95 14.70
CA PHE C 162 -2.07 -8.97 14.48
C PHE C 162 -1.16 -8.56 13.32
N TYR C 163 0.13 -8.44 13.62
CA TYR C 163 1.08 -7.94 12.66
C TYR C 163 1.99 -9.07 12.20
N PHE C 164 1.99 -9.31 10.89
CA PHE C 164 2.74 -10.41 10.28
C PHE C 164 3.77 -9.89 9.27
N VAL C 165 5.02 -10.35 9.45
CA VAL C 165 6.08 -10.27 8.44
C VAL C 165 6.40 -11.67 7.93
N ASP C 166 6.24 -11.88 6.62
CA ASP C 166 6.43 -13.19 5.99
C ASP C 166 5.65 -14.27 6.72
N ASP C 167 4.36 -14.03 6.91
CA ASP C 167 3.46 -15.00 7.56
C ASP C 167 3.91 -15.46 8.96
N ARG C 168 4.72 -14.64 9.64
CA ARG C 168 5.01 -14.89 11.06
C ARG C 168 4.55 -13.68 11.90
N LEU C 169 3.78 -13.94 12.96
CA LEU C 169 3.31 -12.88 13.85
C LEU C 169 4.49 -12.29 14.61
N VAL C 170 4.67 -10.98 14.51
CA VAL C 170 5.80 -10.27 15.12
C VAL C 170 5.37 -9.28 16.23
N MET C 171 4.17 -8.71 16.07
CA MET C 171 3.60 -7.78 17.03
C MET C 171 2.12 -8.03 17.15
N HIS C 172 1.58 -7.56 18.28
CA HIS C 172 0.17 -7.69 18.57
C HIS C 172 -0.28 -6.61 19.55
N ASN C 173 -1.13 -5.71 19.07
CA ASN C 173 -1.69 -4.63 19.86
C ASN C 173 -3.17 -4.86 20.12
N LYS C 174 -3.67 -4.27 21.21
CA LYS C 174 -5.04 -4.50 21.72
C LYS C 174 -5.79 -3.19 21.91
N ALA C 175 -7.06 -3.15 21.55
CA ALA C 175 -7.85 -1.91 21.69
C ALA C 175 -9.14 -2.14 22.45
N ASP C 176 -9.65 -1.05 23.03
CA ASP C 176 -10.94 -1.02 23.73
C ASP C 176 -11.71 0.23 23.30
N TYR C 177 -13.02 0.10 23.03
CA TYR C 177 -13.81 1.18 22.39
C TYR C 177 -15.12 1.57 23.12
N SER C 178 -15.27 2.87 23.40
CA SER C 178 -16.55 3.43 23.86
C SER C 178 -17.03 4.51 22.89
N TYR C 179 -18.34 4.61 22.75
CA TYR C 179 -18.95 5.52 21.78
C TYR C 179 -20.01 6.41 22.45
N SER C 180 -19.80 6.73 23.73
CA SER C 180 -20.72 7.59 24.50
C SER C 180 -20.05 8.92 24.88
#